data_2R59
#
_entry.id   2R59
#
_cell.length_a   78.210
_cell.length_b   87.230
_cell.length_c   99.230
_cell.angle_alpha   90.000
_cell.angle_beta   90.000
_cell.angle_gamma   90.000
#
_symmetry.space_group_name_H-M   'P 21 21 21'
#
loop_
_entity.id
_entity.type
_entity.pdbx_description
1 polymer 'Leukotriene A-4 hydrolase'
2 non-polymer 'ZINC ION'
3 non-polymer 'YTTERBIUM (III) ION'
4 non-polymer N-{(2S)-3-[(R)-[(1R)-1-amino-2-phenylethyl](hydroxy)phosphoryl]-2-benzylpropanoyl}-L-phenylalanine
5 non-polymer 'ACETIC ACID'
6 water water
#
_entity_poly.entity_id   1
_entity_poly.type   'polypeptide(L)'
_entity_poly.pdbx_seq_one_letter_code
;HHHHHHPEIVDTCSLASPASVCRTKHLHLRCSVDFTRRTLTGTAALTVQSQEDNLRSLVLDTKDLTIEKVVINGQEVKYA
LGERQSYKGSPMEISLPIALSKNQEIVIEISFETSPKSSALQWLTPEQTSGKEHPYLFSQCQAIHCRAILPCQDTPSVKL
TYTAEVSVPKELVALMSAIRDGETPDPEDPSRKIYKFIQKVPIPCYLIALVVGALESRQIGPRTLVWSEKEQVEKSAYEF
SETESMLKIAEDLGGPYVWGQYDLLVLPPSFPYGGMENPCLTFVTPTLLAGDKSLSNVIAHEISHSWTGNLVTNKTWDHF
WLNEGHTVYLERHICGRLFGEKFRHFNALGGWGELQNSVKTFGETHPFTKLVVDLTDIDPDVAYSSVPYEKGFALLFYLE
QLLGGPEIFLGFLKAYVEKFSYKSITTDDWKDFLYSYFKDKVDVLNQVDWNAWLYSPGLPPIKPNYDMTLTNACIALSQR
WITAKEDDLNSFNATDLKDLSSHQLNEFLAQTLQRAPLPLGHIKRMQEVYNFNAINNSEIRFRWLRLCIQSKWEDAIPLA
LKMATEQGRMKFTRPLFKDLAAFDKSHDQAVRTYQEHKASMHPVTAMLVGKDLKVD
;
_entity_poly.pdbx_strand_id   A
#
loop_
_chem_comp.id
_chem_comp.type
_chem_comp.name
_chem_comp.formula
ACY non-polymer 'ACETIC ACID' 'C2 H4 O2'
PH0 non-polymer N-{(2S)-3-[(R)-[(1R)-1-amino-2-phenylethyl](hydroxy)phosphoryl]-2-benzylpropanoyl}-L-phenylalanine 'C27 H31 N2 O5 P'
YB non-polymer 'YTTERBIUM (III) ION' 'Yb 3'
ZN non-polymer 'ZINC ION' 'Zn 2'
#
# COMPACT_ATOMS: atom_id res chain seq x y z
N PRO A 7 2.88 28.86 3.39
CA PRO A 7 3.12 28.48 1.98
C PRO A 7 1.85 28.00 1.25
N GLU A 8 1.71 28.42 -0.01
CA GLU A 8 0.54 28.05 -0.84
C GLU A 8 0.63 26.61 -1.38
N ILE A 9 0.25 25.66 -0.54
CA ILE A 9 0.16 24.26 -0.94
C ILE A 9 -1.30 23.78 -1.05
N VAL A 10 -1.72 23.52 -2.28
CA VAL A 10 -3.02 22.90 -2.52
C VAL A 10 -2.90 21.43 -2.88
N ASP A 11 -3.98 20.72 -2.62
CA ASP A 11 -4.01 19.33 -3.00
C ASP A 11 -4.55 19.20 -4.43
N THR A 12 -3.64 19.04 -5.37
CA THR A 12 -4.07 19.07 -6.77
C THR A 12 -4.83 17.79 -7.18
N CYS A 13 -4.87 16.80 -6.29
CA CYS A 13 -5.62 15.55 -6.58
C CYS A 13 -7.04 15.60 -6.02
N SER A 14 -7.37 16.69 -5.32
CA SER A 14 -8.71 16.80 -4.72
C SER A 14 -9.48 17.95 -5.36
N LEU A 15 -10.76 17.76 -5.60
CA LEU A 15 -11.65 18.85 -6.12
C LEU A 15 -12.50 19.42 -4.97
N ALA A 16 -12.29 18.92 -3.76
CA ALA A 16 -13.02 19.40 -2.57
C ALA A 16 -12.54 20.77 -2.09
N SER A 17 -13.36 21.43 -1.27
CA SER A 17 -12.89 22.59 -0.55
C SER A 17 -11.62 22.22 0.22
N PRO A 18 -10.63 23.06 0.15
CA PRO A 18 -9.41 22.77 0.94
C PRO A 18 -9.56 23.03 2.43
N ALA A 19 -8.60 22.53 3.23
CA ALA A 19 -8.60 22.60 4.70
C ALA A 19 -8.58 24.07 5.17
N SER A 20 -8.19 24.98 4.29
CA SER A 20 -8.14 26.39 4.67
C SER A 20 -9.54 27.02 4.59
N VAL A 21 -10.46 26.34 3.94
CA VAL A 21 -11.84 26.77 3.77
C VAL A 21 -12.74 26.11 4.84
N CYS A 22 -12.62 24.79 5.01
CA CYS A 22 -13.48 24.02 5.94
C CYS A 22 -12.84 22.70 6.16
N ARG A 23 -13.08 22.12 7.33
CA ARG A 23 -12.42 20.88 7.65
C ARG A 23 -13.42 19.93 8.20
N THR A 24 -13.48 18.71 7.66
CA THR A 24 -14.23 17.65 8.29
C THR A 24 -13.59 17.20 9.61
N LYS A 25 -14.40 17.13 10.66
CA LYS A 25 -13.98 16.69 11.99
C LYS A 25 -14.39 15.25 12.28
N HIS A 26 -15.53 14.83 11.72
CA HIS A 26 -16.07 13.50 12.06
C HIS A 26 -16.95 13.03 10.96
N LEU A 27 -16.99 11.71 10.80
CA LEU A 27 -17.89 11.08 9.85
C LEU A 27 -18.66 10.05 10.64
N HIS A 28 -20.00 10.07 10.49
CA HIS A 28 -20.80 8.95 10.94
C HIS A 28 -21.46 8.28 9.73
N LEU A 29 -21.03 7.04 9.47
CA LEU A 29 -21.34 6.33 8.26
C LEU A 29 -22.39 5.30 8.67
N ARG A 30 -23.54 5.31 8.03
CA ARG A 30 -24.54 4.25 8.20
C ARG A 30 -24.80 3.68 6.80
N CYS A 31 -24.44 2.43 6.57
CA CYS A 31 -24.60 1.88 5.23
C CYS A 31 -24.99 0.39 5.26
N SER A 32 -25.46 -0.09 4.12
CA SER A 32 -25.91 -1.46 3.98
C SER A 32 -25.19 -1.94 2.75
N VAL A 33 -24.64 -3.16 2.84
CA VAL A 33 -23.87 -3.76 1.73
C VAL A 33 -24.82 -4.67 0.95
N ASP A 34 -25.01 -4.38 -0.31
CA ASP A 34 -25.99 -5.12 -1.08
C ASP A 34 -25.26 -5.97 -2.09
N PHE A 35 -25.09 -7.27 -1.82
CA PHE A 35 -24.26 -8.11 -2.71
C PHE A 35 -24.96 -8.44 -4.03
N THR A 36 -26.29 -8.47 -4.02
CA THR A 36 -27.02 -8.77 -5.28
C THR A 36 -26.83 -7.60 -6.25
N ARG A 37 -26.81 -6.37 -5.76
CA ARG A 37 -26.59 -5.22 -6.63
C ARG A 37 -25.14 -4.73 -6.76
N ARG A 38 -24.30 -5.16 -5.83
CA ARG A 38 -22.90 -4.72 -5.80
C ARG A 38 -22.87 -3.22 -5.48
N THR A 39 -23.65 -2.83 -4.47
CA THR A 39 -23.71 -1.43 -4.06
C THR A 39 -23.63 -1.30 -2.56
N LEU A 40 -23.00 -0.21 -2.11
CA LEU A 40 -23.08 0.21 -0.74
C LEU A 40 -24.11 1.35 -0.75
N THR A 41 -25.08 1.29 0.14
CA THR A 41 -26.13 2.30 0.27
C THR A 41 -26.23 2.88 1.65
N GLY A 42 -26.27 4.20 1.75
CA GLY A 42 -26.73 4.75 3.01
C GLY A 42 -26.43 6.23 3.15
N THR A 43 -26.04 6.62 4.36
CA THR A 43 -25.75 8.02 4.69
C THR A 43 -24.39 8.21 5.33
N ALA A 44 -23.76 9.30 4.94
CA ALA A 44 -22.51 9.78 5.50
C ALA A 44 -22.88 11.11 6.11
N ALA A 45 -22.79 11.23 7.43
CA ALA A 45 -23.02 12.51 8.09
C ALA A 45 -21.66 13.07 8.42
N LEU A 46 -21.31 14.17 7.75
CA LEU A 46 -20.02 14.81 8.01
C LEU A 46 -20.18 15.95 9.00
N THR A 47 -19.45 15.92 10.10
CA THR A 47 -19.35 17.10 10.96
C THR A 47 -18.23 17.97 10.36
N VAL A 48 -18.60 19.19 9.94
CA VAL A 48 -17.68 20.07 9.22
C VAL A 48 -17.54 21.39 10.00
N GLN A 49 -16.31 21.84 10.17
CA GLN A 49 -16.00 23.14 10.77
C GLN A 49 -15.54 24.17 9.72
N SER A 50 -16.22 25.32 9.62
CA SER A 50 -15.83 26.36 8.72
C SER A 50 -14.50 26.93 9.15
N GLN A 51 -13.63 27.27 8.21
CA GLN A 51 -12.37 27.91 8.58
C GLN A 51 -12.35 29.36 8.13
N GLU A 52 -13.51 29.78 7.61
CA GLU A 52 -13.70 31.11 7.01
C GLU A 52 -14.92 31.82 7.58
N ASP A 53 -14.88 33.15 7.63
CA ASP A 53 -16.10 33.92 7.75
C ASP A 53 -17.11 33.84 6.59
N ASN A 54 -18.40 33.86 6.93
CA ASN A 54 -19.49 33.93 5.93
C ASN A 54 -19.43 32.83 4.86
N LEU A 55 -19.20 31.61 5.31
CA LEU A 55 -19.08 30.47 4.41
C LEU A 55 -20.46 30.01 3.98
N ARG A 56 -20.71 29.91 2.68
CA ARG A 56 -22.05 29.60 2.18
C ARG A 56 -22.14 28.44 1.26
N SER A 57 -21.00 27.87 0.90
CA SER A 57 -21.02 26.65 0.16
C SER A 57 -19.74 25.89 0.40
N LEU A 58 -19.85 24.61 0.12
CA LEU A 58 -18.63 23.83 0.10
C LEU A 58 -18.68 22.71 -0.91
N VAL A 59 -17.51 22.20 -1.22
CA VAL A 59 -17.37 21.25 -2.29
C VAL A 59 -16.74 19.97 -1.71
N LEU A 60 -17.33 18.84 -2.11
CA LEU A 60 -16.85 17.51 -1.75
C LEU A 60 -16.42 16.71 -2.99
N ASP A 61 -15.49 15.77 -2.80
CA ASP A 61 -15.03 14.85 -3.87
C ASP A 61 -16.05 13.71 -3.95
N THR A 62 -16.42 13.29 -5.16
CA THR A 62 -17.26 12.08 -5.37
C THR A 62 -16.70 11.39 -6.60
N LYS A 63 -16.91 10.09 -6.76
CA LYS A 63 -16.53 9.44 -8.03
C LYS A 63 -17.52 8.34 -8.24
N ASP A 64 -18.36 8.49 -9.25
CA ASP A 64 -19.37 7.43 -9.57
C ASP A 64 -20.30 7.16 -8.42
N LEU A 65 -20.65 8.20 -7.65
CA LEU A 65 -21.64 8.03 -6.59
C LEU A 65 -22.97 8.57 -7.05
N THR A 66 -24.03 7.91 -6.63
CA THR A 66 -25.40 8.40 -6.83
C THR A 66 -25.85 9.11 -5.57
N ILE A 67 -26.14 10.41 -5.69
CA ILE A 67 -26.59 11.21 -4.52
C ILE A 67 -28.11 11.26 -4.57
N GLU A 68 -28.75 10.70 -3.55
CA GLU A 68 -30.20 10.86 -3.38
C GLU A 68 -30.56 12.21 -2.81
N LYS A 69 -29.84 12.66 -1.78
CA LYS A 69 -30.20 13.87 -1.07
C LYS A 69 -29.13 14.30 -0.08
N VAL A 70 -29.23 15.57 0.30
CA VAL A 70 -28.37 16.17 1.32
C VAL A 70 -29.24 16.97 2.31
N VAL A 71 -29.13 16.63 3.58
CA VAL A 71 -29.94 17.22 4.61
C VAL A 71 -29.05 17.94 5.65
N ILE A 72 -29.42 19.18 5.96
CA ILE A 72 -28.79 20.00 7.00
C ILE A 72 -29.94 20.60 7.82
N ASN A 73 -29.83 20.53 9.14
CA ASN A 73 -30.87 21.04 10.09
C ASN A 73 -32.24 20.45 9.72
N GLY A 74 -32.29 19.18 9.37
CA GLY A 74 -33.52 18.50 9.05
C GLY A 74 -34.20 18.82 7.73
N GLN A 75 -33.59 19.61 6.85
CA GLN A 75 -34.20 19.96 5.57
C GLN A 75 -33.29 19.64 4.39
N GLU A 76 -33.86 19.37 3.21
CA GLU A 76 -33.05 19.10 2.04
C GLU A 76 -32.53 20.41 1.51
N VAL A 77 -31.29 20.41 1.03
CA VAL A 77 -30.60 21.61 0.61
C VAL A 77 -30.23 21.36 -0.82
N LYS A 78 -29.99 22.43 -1.57
CA LYS A 78 -29.48 22.32 -2.93
C LYS A 78 -28.01 21.84 -2.99
N TYR A 79 -27.73 20.99 -3.98
CA TYR A 79 -26.37 20.56 -4.29
C TYR A 79 -26.30 20.40 -5.81
N ALA A 80 -25.10 20.42 -6.37
CA ALA A 80 -24.96 20.19 -7.81
C ALA A 80 -23.71 19.36 -8.01
N LEU A 81 -23.78 18.39 -8.91
CA LEU A 81 -22.60 17.63 -9.28
C LEU A 81 -22.05 18.27 -10.54
N GLY A 82 -20.76 18.56 -10.52
CA GLY A 82 -20.04 19.13 -11.64
C GLY A 82 -19.68 18.02 -12.64
N GLU A 83 -19.06 18.42 -13.76
CA GLU A 83 -18.60 17.50 -14.82
C GLU A 83 -17.45 16.60 -14.31
N ARG A 84 -17.48 15.31 -14.68
CA ARG A 84 -16.39 14.40 -14.33
C ARG A 84 -15.04 14.95 -14.80
N GLN A 85 -14.04 14.94 -13.91
CA GLN A 85 -12.69 15.30 -14.29
C GLN A 85 -11.77 14.08 -14.25
N SER A 86 -11.89 13.23 -15.28
CA SER A 86 -11.38 11.84 -15.34
C SER A 86 -11.17 11.11 -14.01
N TYR A 87 -9.93 10.74 -13.64
CA TYR A 87 -9.73 9.90 -12.43
C TYR A 87 -10.01 10.69 -11.14
N LYS A 88 -10.16 12.00 -11.21
CA LYS A 88 -10.46 12.77 -9.98
C LYS A 88 -11.95 12.72 -9.59
N GLY A 89 -12.81 12.28 -10.51
CA GLY A 89 -14.27 12.20 -10.24
C GLY A 89 -14.98 13.52 -10.52
N SER A 90 -16.13 13.70 -9.89
CA SER A 90 -16.95 14.88 -10.08
C SER A 90 -17.09 15.63 -8.75
N PRO A 91 -16.90 16.95 -8.77
CA PRO A 91 -17.10 17.77 -7.54
C PRO A 91 -18.59 17.91 -7.19
N MET A 92 -18.90 17.90 -5.90
CA MET A 92 -20.24 18.03 -5.40
C MET A 92 -20.31 19.34 -4.59
N GLU A 93 -20.90 20.37 -5.17
CA GLU A 93 -21.04 21.64 -4.48
C GLU A 93 -22.33 21.64 -3.66
N ILE A 94 -22.22 21.95 -2.36
CA ILE A 94 -23.36 21.93 -1.47
C ILE A 94 -23.61 23.37 -1.03
N SER A 95 -24.84 23.85 -1.27
CA SER A 95 -25.30 25.19 -0.84
C SER A 95 -25.80 25.18 0.60
N LEU A 96 -25.08 25.84 1.49
CA LEU A 96 -25.44 25.74 2.90
C LEU A 96 -26.69 26.60 3.15
N PRO A 97 -27.59 26.18 4.05
CA PRO A 97 -28.83 26.95 4.25
C PRO A 97 -28.63 28.23 5.06
N ILE A 98 -27.62 28.27 5.92
CA ILE A 98 -27.30 29.50 6.65
C ILE A 98 -25.79 29.67 6.61
N ALA A 99 -25.32 30.87 6.27
CA ALA A 99 -23.89 31.21 6.28
C ALA A 99 -23.21 30.94 7.63
N LEU A 100 -21.94 30.44 7.61
CA LEU A 100 -21.29 29.93 8.81
C LEU A 100 -20.21 30.91 9.18
N SER A 101 -20.00 31.10 10.47
CA SER A 101 -18.92 31.96 10.89
C SER A 101 -17.67 31.10 11.11
N LYS A 102 -16.51 31.73 11.30
CA LYS A 102 -15.29 30.98 11.44
C LYS A 102 -15.39 30.07 12.65
N ASN A 103 -15.03 28.80 12.46
CA ASN A 103 -15.03 27.72 13.48
C ASN A 103 -16.40 27.19 13.87
N GLN A 104 -17.44 27.67 13.22
CA GLN A 104 -18.74 27.12 13.44
C GLN A 104 -18.77 25.74 12.83
N GLU A 105 -19.37 24.80 13.56
CA GLU A 105 -19.54 23.40 13.11
C GLU A 105 -20.99 23.05 12.81
N ILE A 106 -21.24 22.36 11.67
CA ILE A 106 -22.59 21.81 11.32
C ILE A 106 -22.47 20.38 10.89
N VAL A 107 -23.59 19.63 10.84
CA VAL A 107 -23.58 18.27 10.33
C VAL A 107 -24.32 18.25 9.02
N ILE A 108 -23.69 17.70 7.98
CA ILE A 108 -24.30 17.55 6.68
C ILE A 108 -24.50 16.06 6.45
N GLU A 109 -25.75 15.66 6.23
CA GLU A 109 -26.07 14.26 6.03
C GLU A 109 -26.35 14.00 4.53
N ILE A 110 -25.55 13.14 3.91
CA ILE A 110 -25.64 12.88 2.49
C ILE A 110 -26.08 11.44 2.26
N SER A 111 -27.22 11.25 1.58
CA SER A 111 -27.72 9.96 1.15
C SER A 111 -27.15 9.60 -0.20
N PHE A 112 -26.55 8.41 -0.27
CA PHE A 112 -25.79 8.08 -1.45
C PHE A 112 -25.76 6.57 -1.65
N GLU A 113 -25.29 6.21 -2.83
CA GLU A 113 -25.13 4.82 -3.23
C GLU A 113 -23.92 4.71 -4.15
N THR A 114 -23.14 3.63 -4.02
CA THR A 114 -21.91 3.51 -4.81
C THR A 114 -22.28 2.89 -6.12
N SER A 115 -21.37 3.02 -7.08
CA SER A 115 -21.47 2.23 -8.32
C SER A 115 -20.86 0.83 -8.17
N PRO A 116 -21.41 -0.19 -8.89
CA PRO A 116 -20.70 -1.48 -8.91
C PRO A 116 -19.28 -1.39 -9.43
N LYS A 117 -18.97 -0.39 -10.22
CA LYS A 117 -17.61 -0.22 -10.76
C LYS A 117 -16.73 0.74 -9.92
N SER A 118 -17.13 0.98 -8.69
CA SER A 118 -16.29 1.79 -7.76
C SER A 118 -14.86 1.28 -7.80
N SER A 119 -13.92 2.19 -8.10
CA SER A 119 -12.50 1.91 -8.10
C SER A 119 -11.95 1.57 -6.69
N ALA A 120 -12.75 1.86 -5.64
CA ALA A 120 -12.36 1.56 -4.23
C ALA A 120 -12.63 0.14 -3.81
N LEU A 121 -13.48 -0.55 -4.56
CA LEU A 121 -14.12 -1.77 -4.11
C LEU A 121 -13.85 -2.97 -5.03
N GLN A 122 -13.67 -4.14 -4.42
CA GLN A 122 -13.75 -5.37 -5.17
C GLN A 122 -14.81 -6.28 -4.54
N TRP A 123 -15.82 -6.62 -5.35
CA TRP A 123 -16.90 -7.55 -5.06
C TRP A 123 -16.54 -8.90 -5.65
N LEU A 124 -16.52 -9.92 -4.83
CA LEU A 124 -16.01 -11.22 -5.23
C LEU A 124 -17.19 -12.20 -5.18
N THR A 125 -17.38 -12.99 -6.24
CA THR A 125 -18.40 -14.05 -6.21
C THR A 125 -17.93 -15.13 -5.23
N PRO A 126 -18.85 -16.03 -4.77
CA PRO A 126 -18.42 -17.17 -3.94
C PRO A 126 -17.29 -18.03 -4.54
N GLU A 127 -17.26 -18.16 -5.86
CA GLU A 127 -16.21 -18.96 -6.52
C GLU A 127 -14.82 -18.29 -6.46
N GLN A 128 -14.79 -16.98 -6.23
CA GLN A 128 -13.51 -16.29 -6.02
C GLN A 128 -12.97 -16.34 -4.58
N THR A 129 -13.71 -16.98 -3.67
CA THR A 129 -13.35 -17.12 -2.25
C THR A 129 -12.79 -18.54 -1.96
N SER A 130 -12.18 -18.75 -0.78
CA SER A 130 -11.77 -20.08 -0.31
C SER A 130 -12.94 -21.02 0.03
N GLY A 131 -14.03 -20.48 0.61
CA GLY A 131 -15.14 -21.26 1.14
C GLY A 131 -16.14 -21.71 0.08
N LYS A 132 -16.31 -20.90 -0.96
CA LYS A 132 -17.11 -21.22 -2.15
C LYS A 132 -18.63 -21.11 -1.92
N GLU A 133 -19.04 -20.73 -0.72
CA GLU A 133 -20.46 -20.56 -0.35
C GLU A 133 -20.93 -19.10 -0.43
N HIS A 134 -20.12 -18.19 0.11
CA HIS A 134 -20.52 -16.78 0.32
C HIS A 134 -19.69 -15.80 -0.48
N PRO A 135 -20.26 -14.63 -0.78
CA PRO A 135 -19.50 -13.67 -1.52
C PRO A 135 -18.59 -12.88 -0.54
N TYR A 136 -17.96 -11.83 -1.03
CA TYR A 136 -16.93 -11.14 -0.19
C TYR A 136 -16.68 -9.76 -0.75
N LEU A 137 -16.42 -8.76 0.11
CA LEU A 137 -16.22 -7.44 -0.42
C LEU A 137 -15.03 -6.86 0.32
N PHE A 138 -14.13 -6.17 -0.36
CA PHE A 138 -13.09 -5.37 0.38
C PHE A 138 -12.83 -4.05 -0.30
N SER A 139 -12.51 -3.03 0.50
CA SER A 139 -12.14 -1.72 -0.05
C SER A 139 -10.62 -1.50 -0.11
N GLN A 140 -10.22 -0.53 -0.95
CA GLN A 140 -8.87 -0.05 -0.97
C GLN A 140 -8.87 1.42 -1.33
N CYS A 141 -8.90 2.27 -0.29
CA CYS A 141 -9.06 3.71 -0.51
C CYS A 141 -7.80 4.46 -0.94
N GLN A 142 -6.61 3.99 -0.53
CA GLN A 142 -5.40 4.76 -0.82
C GLN A 142 -5.11 4.63 -2.34
N ALA A 143 -4.75 5.74 -3.02
CA ALA A 143 -4.61 7.11 -2.50
C ALA A 143 -5.91 7.89 -2.48
N ILE A 144 -6.60 7.93 -3.65
CA ILE A 144 -7.75 8.83 -3.82
C ILE A 144 -9.00 8.09 -4.25
N HIS A 145 -9.22 6.94 -3.62
CA HIS A 145 -10.42 6.15 -3.93
C HIS A 145 -11.49 6.26 -2.86
N CYS A 146 -11.19 6.89 -1.74
CA CYS A 146 -12.28 7.07 -0.78
C CYS A 146 -13.52 7.78 -1.40
N ARG A 147 -13.29 8.72 -2.31
CA ARG A 147 -14.39 9.48 -2.99
C ARG A 147 -15.27 8.59 -3.87
N ALA A 148 -14.79 7.38 -4.15
CA ALA A 148 -15.56 6.36 -4.84
C ALA A 148 -16.40 5.50 -3.90
N ILE A 149 -16.29 5.75 -2.59
CA ILE A 149 -17.13 5.06 -1.64
C ILE A 149 -18.08 6.02 -0.95
N LEU A 150 -17.64 7.25 -0.70
CA LEU A 150 -18.51 8.20 0.00
C LEU A 150 -18.08 9.62 -0.32
N PRO A 151 -19.04 10.59 -0.29
CA PRO A 151 -18.59 11.96 -0.53
C PRO A 151 -17.74 12.49 0.62
N CYS A 152 -16.58 13.08 0.33
CA CYS A 152 -15.67 13.50 1.41
C CYS A 152 -14.71 14.53 0.90
N GLN A 153 -13.95 15.17 1.82
CA GLN A 153 -12.81 15.93 1.45
C GLN A 153 -11.67 14.95 1.35
N ASP A 154 -11.40 14.47 0.13
CA ASP A 154 -10.59 13.26 -0.07
C ASP A 154 -9.17 13.70 -0.26
N THR A 155 -8.56 14.15 0.84
CA THR A 155 -7.23 14.72 0.79
C THR A 155 -6.62 14.35 2.12
N PRO A 156 -5.37 13.94 2.16
CA PRO A 156 -4.78 13.55 3.47
C PRO A 156 -4.42 14.77 4.30
N SER A 157 -4.66 15.96 3.76
CA SER A 157 -4.46 17.19 4.59
C SER A 157 -5.55 17.36 5.65
N VAL A 158 -6.62 16.56 5.56
CA VAL A 158 -7.74 16.65 6.48
C VAL A 158 -7.80 15.33 7.29
N LYS A 159 -7.91 15.43 8.62
CA LYS A 159 -8.02 14.23 9.49
C LYS A 159 -9.25 14.29 10.35
N LEU A 160 -9.97 13.16 10.44
CA LEU A 160 -11.27 13.09 11.09
C LEU A 160 -11.35 11.84 11.95
N THR A 161 -12.24 11.83 12.92
CA THR A 161 -12.59 10.58 13.63
C THR A 161 -13.81 10.02 12.89
N TYR A 162 -14.17 8.77 13.20
CA TYR A 162 -15.38 8.24 12.54
C TYR A 162 -16.09 7.19 13.36
N THR A 163 -17.41 7.04 13.14
CA THR A 163 -18.17 5.93 13.68
C THR A 163 -18.93 5.35 12.49
N ALA A 164 -19.31 4.07 12.56
CA ALA A 164 -20.01 3.47 11.43
C ALA A 164 -20.86 2.32 11.92
N GLU A 165 -21.97 2.11 11.19
CA GLU A 165 -22.86 0.96 11.38
C GLU A 165 -23.09 0.36 10.02
N VAL A 166 -22.76 -0.92 9.87
CA VAL A 166 -22.74 -1.54 8.55
C VAL A 166 -23.67 -2.75 8.60
N SER A 167 -24.69 -2.72 7.77
CA SER A 167 -25.64 -3.79 7.70
C SER A 167 -25.23 -4.76 6.61
N VAL A 168 -25.14 -6.04 6.98
CA VAL A 168 -24.65 -7.10 6.11
C VAL A 168 -25.49 -8.39 6.23
N PRO A 169 -25.52 -9.22 5.18
CA PRO A 169 -26.17 -10.53 5.42
C PRO A 169 -25.67 -11.18 6.72
N LYS A 170 -26.58 -11.73 7.52
CA LYS A 170 -26.22 -12.23 8.85
C LYS A 170 -25.21 -13.36 8.88
N GLU A 171 -25.03 -14.08 7.74
CA GLU A 171 -24.04 -15.15 7.72
C GLU A 171 -22.61 -14.58 7.62
N LEU A 172 -22.49 -13.26 7.45
CA LEU A 172 -21.20 -12.64 7.11
C LEU A 172 -20.76 -11.72 8.21
N VAL A 173 -19.47 -11.36 8.20
CA VAL A 173 -18.86 -10.50 9.23
C VAL A 173 -18.32 -9.24 8.50
N ALA A 174 -18.57 -8.08 9.07
CA ALA A 174 -17.99 -6.80 8.65
C ALA A 174 -16.84 -6.46 9.57
N LEU A 175 -15.75 -5.90 8.99
CA LEU A 175 -14.65 -5.33 9.81
C LEU A 175 -14.27 -4.00 9.21
N MET A 176 -13.67 -3.09 10.00
CA MET A 176 -13.27 -1.79 9.48
C MET A 176 -11.97 -1.38 10.15
N SER A 177 -11.35 -0.30 9.65
CA SER A 177 -10.13 0.29 10.28
C SER A 177 -10.51 1.07 11.53
N ALA A 178 -10.96 0.36 12.57
CA ALA A 178 -11.62 0.96 13.70
C ALA A 178 -11.74 -0.08 14.78
N ILE A 179 -12.09 0.33 15.99
CA ILE A 179 -12.32 -0.67 17.08
C ILE A 179 -13.72 -1.22 16.93
N ARG A 180 -13.88 -2.55 17.06
CA ARG A 180 -15.18 -3.19 16.90
C ARG A 180 -16.05 -2.71 18.08
N ASP A 181 -17.28 -2.31 17.82
CA ASP A 181 -18.11 -1.73 18.88
C ASP A 181 -19.48 -2.46 19.00
N GLY A 182 -19.50 -3.78 18.87
CA GLY A 182 -20.74 -4.54 19.02
C GLY A 182 -21.38 -4.98 17.73
N GLU A 183 -22.37 -5.88 17.83
CA GLU A 183 -23.12 -6.35 16.68
C GLU A 183 -24.56 -6.64 17.11
N THR A 184 -25.52 -6.33 16.25
CA THR A 184 -26.93 -6.67 16.55
C THR A 184 -27.69 -7.16 15.34
N PRO A 185 -28.79 -7.89 15.58
CA PRO A 185 -29.65 -8.13 14.44
C PRO A 185 -30.08 -6.77 13.90
N ASP A 186 -30.31 -6.67 12.59
CA ASP A 186 -30.75 -5.44 11.96
C ASP A 186 -32.23 -5.17 12.25
N PRO A 187 -32.53 -4.13 13.08
CA PRO A 187 -33.93 -3.74 13.38
C PRO A 187 -34.88 -3.65 12.19
N GLU A 188 -34.37 -3.50 10.97
CA GLU A 188 -35.26 -3.43 9.84
C GLU A 188 -35.13 -4.61 8.87
N ASP A 189 -34.57 -5.73 9.35
CA ASP A 189 -34.43 -6.96 8.55
C ASP A 189 -33.71 -8.07 9.32
N PRO A 190 -34.48 -9.07 9.82
CA PRO A 190 -33.91 -10.11 10.68
C PRO A 190 -32.93 -11.08 9.98
N SER A 191 -32.78 -10.96 8.67
CA SER A 191 -31.77 -11.75 7.90
C SER A 191 -30.41 -11.02 7.79
N ARG A 192 -30.31 -9.90 8.51
CA ARG A 192 -29.15 -9.02 8.46
C ARG A 192 -28.66 -8.75 9.86
N LYS A 193 -27.36 -8.47 9.94
CA LYS A 193 -26.76 -8.01 11.17
C LYS A 193 -26.18 -6.62 10.90
N ILE A 194 -26.10 -5.80 11.94
CA ILE A 194 -25.47 -4.47 11.92
C ILE A 194 -24.19 -4.61 12.78
N TYR A 195 -23.01 -4.27 12.22
CA TYR A 195 -21.79 -4.25 13.02
C TYR A 195 -21.45 -2.81 13.23
N LYS A 196 -20.94 -2.49 14.42
CA LYS A 196 -20.64 -1.08 14.75
C LYS A 196 -19.15 -0.93 14.98
N PHE A 197 -18.67 0.30 14.79
CA PHE A 197 -17.25 0.60 14.73
C PHE A 197 -17.02 2.02 15.24
N ILE A 198 -15.87 2.20 15.88
CA ILE A 198 -15.46 3.50 16.35
C ILE A 198 -13.96 3.74 16.13
N GLN A 199 -13.66 4.80 15.44
CA GLN A 199 -12.25 5.20 15.28
C GLN A 199 -12.06 6.56 16.00
N LYS A 200 -11.45 6.54 17.17
CA LYS A 200 -11.35 7.75 17.98
C LYS A 200 -10.08 8.54 17.68
N VAL A 201 -9.17 7.97 16.89
CA VAL A 201 -7.94 8.73 16.57
C VAL A 201 -8.18 9.36 15.19
N PRO A 202 -7.91 10.68 15.00
CA PRO A 202 -8.22 11.33 13.72
C PRO A 202 -7.32 10.75 12.65
N ILE A 203 -7.89 10.43 11.49
CA ILE A 203 -7.14 9.86 10.38
C ILE A 203 -7.54 10.54 9.09
N PRO A 204 -6.65 10.48 8.06
CA PRO A 204 -7.03 10.93 6.73
C PRO A 204 -8.03 9.94 6.17
N CYS A 205 -8.89 10.38 5.28
CA CYS A 205 -9.91 9.48 4.77
C CYS A 205 -9.39 8.27 3.95
N TYR A 206 -8.16 8.38 3.41
CA TYR A 206 -7.58 7.24 2.70
C TYR A 206 -7.41 6.00 3.60
N LEU A 207 -7.54 6.16 4.93
CA LEU A 207 -7.39 5.01 5.88
C LEU A 207 -8.74 4.37 6.31
N ILE A 208 -9.85 4.86 5.76
CA ILE A 208 -11.13 4.24 6.00
C ILE A 208 -11.07 2.94 5.21
N ALA A 209 -11.39 1.83 5.87
CA ALA A 209 -11.38 0.53 5.17
C ALA A 209 -12.58 -0.33 5.63
N LEU A 210 -13.02 -1.23 4.77
CA LEU A 210 -14.17 -2.07 5.07
C LEU A 210 -13.92 -3.42 4.38
N VAL A 211 -14.16 -4.52 5.08
CA VAL A 211 -14.23 -5.86 4.50
C VAL A 211 -15.53 -6.52 4.99
N VAL A 212 -16.19 -7.26 4.08
CA VAL A 212 -17.37 -8.03 4.43
C VAL A 212 -17.21 -9.46 3.84
N GLY A 213 -17.26 -10.47 4.68
CA GLY A 213 -17.07 -11.86 4.21
C GLY A 213 -17.28 -12.89 5.27
N ALA A 214 -17.03 -14.16 4.91
CA ALA A 214 -17.17 -15.25 5.87
C ALA A 214 -15.89 -15.36 6.71
N LEU A 215 -15.73 -14.50 7.71
CA LEU A 215 -14.45 -14.34 8.41
C LEU A 215 -14.45 -15.03 9.75
N GLU A 216 -13.33 -15.66 10.09
CA GLU A 216 -13.06 -16.19 11.45
C GLU A 216 -11.78 -15.55 11.97
N SER A 217 -11.53 -15.58 13.28
CA SER A 217 -10.35 -14.97 13.86
C SER A 217 -9.68 -15.93 14.80
N ARG A 218 -8.37 -15.73 14.99
CA ARG A 218 -7.66 -16.41 15.99
C ARG A 218 -6.73 -15.42 16.68
N GLN A 219 -6.66 -15.54 17.98
CA GLN A 219 -5.87 -14.62 18.72
C GLN A 219 -4.42 -15.05 18.63
N ILE A 220 -3.50 -14.08 18.40
CA ILE A 220 -2.09 -14.44 18.30
C ILE A 220 -1.22 -13.60 19.18
N GLY A 221 -1.78 -12.62 19.86
CA GLY A 221 -0.95 -11.82 20.76
C GLY A 221 -1.92 -11.10 21.66
N PRO A 222 -1.40 -10.41 22.68
CA PRO A 222 -2.29 -9.72 23.64
C PRO A 222 -3.14 -8.64 22.98
N ARG A 223 -2.66 -8.06 21.87
CA ARG A 223 -3.51 -7.09 21.18
C ARG A 223 -3.70 -7.37 19.70
N THR A 224 -3.64 -8.65 19.30
CA THR A 224 -3.72 -9.01 17.88
C THR A 224 -4.53 -10.24 17.60
N LEU A 225 -5.53 -10.11 16.74
CA LEU A 225 -6.20 -11.24 16.14
C LEU A 225 -5.83 -11.29 14.69
N VAL A 226 -5.74 -12.49 14.15
CA VAL A 226 -5.67 -12.64 12.73
C VAL A 226 -7.06 -13.10 12.22
N TRP A 227 -7.48 -12.49 11.14
CA TRP A 227 -8.81 -12.70 10.53
C TRP A 227 -8.56 -13.23 9.11
N SER A 228 -9.29 -14.26 8.71
CA SER A 228 -9.30 -14.72 7.33
C SER A 228 -10.50 -15.66 7.14
N GLU A 229 -10.68 -16.18 5.95
CA GLU A 229 -11.60 -17.28 5.79
C GLU A 229 -11.06 -18.48 6.58
N LYS A 230 -11.96 -19.37 6.96
CA LYS A 230 -11.60 -20.48 7.83
C LYS A 230 -10.39 -21.25 7.29
N GLU A 231 -10.33 -21.54 5.98
CA GLU A 231 -9.24 -22.34 5.40
C GLU A 231 -7.84 -21.75 5.60
N GLN A 232 -7.76 -20.43 5.76
CA GLN A 232 -6.46 -19.71 5.97
C GLN A 232 -6.08 -19.38 7.39
N VAL A 233 -6.97 -19.58 8.34
CA VAL A 233 -6.67 -19.12 9.68
C VAL A 233 -5.44 -19.78 10.35
N GLU A 234 -5.36 -21.10 10.27
CA GLU A 234 -4.27 -21.76 10.96
C GLU A 234 -2.91 -21.37 10.37
N LYS A 235 -2.86 -21.39 9.05
CA LYS A 235 -1.61 -20.98 8.42
C LYS A 235 -1.21 -19.51 8.72
N SER A 236 -2.19 -18.62 8.76
CA SER A 236 -1.92 -17.19 9.09
C SER A 236 -1.46 -16.97 10.51
N ALA A 237 -2.02 -17.72 11.45
CA ALA A 237 -1.62 -17.52 12.86
C ALA A 237 -0.15 -17.86 13.04
N TYR A 238 0.32 -18.88 12.35
CA TYR A 238 1.69 -19.29 12.41
C TYR A 238 2.56 -18.29 11.66
N GLU A 239 2.17 -17.98 10.43
CA GLU A 239 2.98 -17.05 9.60
C GLU A 239 3.27 -15.76 10.32
N PHE A 240 2.30 -15.24 11.07
CA PHE A 240 2.44 -13.90 11.66
C PHE A 240 2.66 -13.95 13.15
N SER A 241 3.18 -15.06 13.65
CA SER A 241 3.23 -15.24 15.08
C SER A 241 4.25 -14.29 15.73
N GLU A 242 5.12 -13.69 14.93
CA GLU A 242 6.13 -12.74 15.46
C GLU A 242 5.57 -11.27 15.58
N THR A 243 4.29 -11.04 15.27
CA THR A 243 3.70 -9.70 15.24
C THR A 243 3.85 -8.93 16.57
N GLU A 244 3.58 -9.58 17.70
CA GLU A 244 3.69 -8.85 18.98
C GLU A 244 5.16 -8.43 19.27
N SER A 245 6.14 -9.26 18.94
CA SER A 245 7.56 -8.90 19.11
C SER A 245 7.94 -7.69 18.30
N MET A 246 7.46 -7.67 17.08
CA MET A 246 7.66 -6.54 16.19
C MET A 246 6.98 -5.26 16.62
N LEU A 247 5.73 -5.35 17.05
CA LEU A 247 5.06 -4.22 17.65
C LEU A 247 5.86 -3.67 18.85
N LYS A 248 6.34 -4.53 19.75
CA LYS A 248 7.20 -4.04 20.89
C LYS A 248 8.43 -3.25 20.42
N ILE A 249 9.14 -3.79 19.44
CA ILE A 249 10.32 -3.12 18.91
C ILE A 249 9.89 -1.82 18.25
N ALA A 250 8.77 -1.82 17.52
CA ALA A 250 8.30 -0.59 16.86
C ALA A 250 8.02 0.46 17.94
N GLU A 251 7.42 0.05 19.06
CA GLU A 251 7.08 1.04 20.10
C GLU A 251 8.34 1.60 20.72
N ASP A 252 9.36 0.78 20.85
CA ASP A 252 10.64 1.27 21.31
C ASP A 252 11.23 2.36 20.36
N LEU A 253 11.07 2.17 19.05
CA LEU A 253 11.59 3.11 18.04
C LEU A 253 10.76 4.36 17.90
N GLY A 254 9.44 4.23 17.98
CA GLY A 254 8.59 5.32 17.53
C GLY A 254 7.81 5.99 18.64
N GLY A 255 7.70 5.31 19.79
CA GLY A 255 6.86 5.79 20.87
C GLY A 255 5.61 4.94 20.99
N PRO A 256 4.73 5.27 21.96
CA PRO A 256 3.52 4.47 22.18
C PRO A 256 2.72 4.18 20.92
N TYR A 257 2.25 2.94 20.85
CA TYR A 257 1.26 2.57 19.87
C TYR A 257 -0.07 3.14 20.32
N VAL A 258 -0.66 4.05 19.56
CA VAL A 258 -1.85 4.79 20.07
C VAL A 258 -3.21 4.22 19.59
N TRP A 259 -3.19 3.18 18.77
CA TRP A 259 -4.42 2.77 18.07
C TRP A 259 -5.21 1.70 18.77
N GLY A 260 -4.72 1.22 19.90
CA GLY A 260 -5.41 0.15 20.67
C GLY A 260 -5.10 -1.29 20.20
N GLN A 261 -5.83 -1.75 19.21
CA GLN A 261 -5.73 -3.11 18.68
C GLN A 261 -4.81 -3.07 17.48
N TYR A 262 -4.02 -4.14 17.29
CA TYR A 262 -3.32 -4.32 16.01
C TYR A 262 -3.69 -5.67 15.42
N ASP A 263 -4.74 -5.71 14.60
CA ASP A 263 -5.25 -6.98 14.09
C ASP A 263 -4.70 -7.07 12.67
N LEU A 264 -4.73 -8.30 12.10
CA LEU A 264 -4.30 -8.55 10.73
C LEU A 264 -5.43 -9.23 10.00
N LEU A 265 -5.66 -8.85 8.76
CA LEU A 265 -6.69 -9.50 7.93
C LEU A 265 -5.99 -10.03 6.70
N VAL A 266 -6.04 -11.33 6.48
CA VAL A 266 -5.48 -11.93 5.26
C VAL A 266 -6.57 -11.98 4.18
N LEU A 267 -6.37 -11.21 3.11
CA LEU A 267 -7.42 -11.07 2.08
C LEU A 267 -7.40 -12.22 1.09
N PRO A 268 -8.39 -12.26 0.20
CA PRO A 268 -8.34 -13.24 -0.87
C PRO A 268 -7.21 -12.82 -1.83
N PRO A 269 -6.85 -13.74 -2.73
CA PRO A 269 -5.66 -13.59 -3.59
C PRO A 269 -5.62 -12.37 -4.49
N SER A 270 -6.77 -11.78 -4.84
CA SER A 270 -6.80 -10.60 -5.72
C SER A 270 -6.41 -9.27 -5.03
N PHE A 271 -6.19 -9.31 -3.73
CA PHE A 271 -5.71 -8.09 -3.07
C PHE A 271 -4.44 -7.48 -3.76
N PRO A 272 -4.51 -6.22 -4.18
CA PRO A 272 -3.50 -5.67 -5.09
C PRO A 272 -2.18 -5.38 -4.44
N TYR A 273 -2.14 -5.31 -3.12
CA TYR A 273 -0.86 -4.89 -2.44
C TYR A 273 -0.25 -5.99 -1.55
N GLY A 274 1.04 -5.89 -1.16
CA GLY A 274 1.52 -6.82 -0.13
C GLY A 274 0.82 -6.56 1.25
N GLY A 275 0.66 -5.29 1.59
CA GLY A 275 -0.05 -4.89 2.81
C GLY A 275 -0.68 -3.50 2.63
N MET A 276 -1.57 -3.15 3.54
CA MET A 276 -2.17 -1.82 3.60
C MET A 276 -2.39 -1.49 5.08
N GLU A 277 -1.90 -0.33 5.49
CA GLU A 277 -1.78 0.05 6.91
C GLU A 277 -3.08 0.61 7.53
N ASN A 278 -4.21 0.00 7.19
CA ASN A 278 -5.48 0.50 7.71
C ASN A 278 -5.39 0.45 9.21
N PRO A 279 -5.70 1.57 9.90
CA PRO A 279 -5.56 1.60 11.36
C PRO A 279 -6.43 0.54 12.06
N CYS A 280 -5.81 -0.13 13.02
CA CYS A 280 -6.41 -1.21 13.81
C CYS A 280 -6.54 -2.52 13.09
N LEU A 281 -6.39 -2.52 11.77
CA LEU A 281 -6.62 -3.71 10.98
C LEU A 281 -5.75 -3.71 9.73
N THR A 282 -4.49 -4.07 9.86
CA THR A 282 -3.63 -4.12 8.65
C THR A 282 -4.19 -5.17 7.67
N PHE A 283 -4.28 -4.87 6.37
CA PHE A 283 -4.66 -5.84 5.34
C PHE A 283 -3.39 -6.46 4.75
N VAL A 284 -3.39 -7.78 4.53
CA VAL A 284 -2.22 -8.45 3.93
C VAL A 284 -2.60 -9.40 2.82
N THR A 285 -1.67 -9.57 1.86
CA THR A 285 -1.90 -10.53 0.75
C THR A 285 -1.69 -11.97 1.25
N PRO A 286 -2.49 -12.94 0.78
CA PRO A 286 -2.14 -14.29 1.24
C PRO A 286 -0.88 -14.88 0.55
N THR A 287 -0.28 -14.15 -0.40
CA THR A 287 1.01 -14.60 -0.95
C THR A 287 2.13 -14.51 0.06
N LEU A 288 1.84 -14.00 1.27
CA LEU A 288 2.83 -13.93 2.36
C LEU A 288 2.94 -15.31 3.06
N LEU A 289 2.01 -16.22 2.79
CA LEU A 289 1.92 -17.44 3.57
C LEU A 289 2.89 -18.48 3.02
N ALA A 290 4.17 -18.16 3.18
CA ALA A 290 5.28 -18.96 2.66
C ALA A 290 5.47 -20.25 3.46
N GLY A 291 4.94 -20.33 4.69
CA GLY A 291 5.20 -21.50 5.53
C GLY A 291 6.36 -21.37 6.53
N ASP A 292 7.19 -20.36 6.38
CA ASP A 292 8.37 -20.26 7.24
C ASP A 292 8.64 -18.85 7.81
N LYS A 293 7.63 -17.98 7.69
CA LYS A 293 7.72 -16.59 8.17
C LYS A 293 8.78 -15.71 7.48
N SER A 294 9.33 -16.16 6.33
CA SER A 294 10.39 -15.43 5.62
C SER A 294 9.93 -14.09 5.01
N LEU A 295 8.63 -13.89 4.88
CA LEU A 295 8.16 -12.63 4.26
C LEU A 295 7.61 -11.63 5.30
N SER A 296 8.04 -11.79 6.54
CA SER A 296 7.53 -10.97 7.64
C SER A 296 7.92 -9.47 7.56
N ASN A 297 8.81 -9.08 6.63
CA ASN A 297 9.15 -7.64 6.53
C ASN A 297 7.95 -6.82 6.10
N VAL A 298 7.03 -7.45 5.38
CA VAL A 298 5.76 -6.77 5.07
C VAL A 298 4.99 -6.37 6.33
N ILE A 299 4.96 -7.24 7.33
CA ILE A 299 4.25 -6.90 8.57
C ILE A 299 5.04 -5.82 9.32
N ALA A 300 6.36 -5.93 9.33
CA ALA A 300 7.24 -4.89 9.95
C ALA A 300 6.93 -3.52 9.30
N HIS A 301 6.73 -3.54 7.97
CA HIS A 301 6.42 -2.31 7.21
C HIS A 301 5.06 -1.79 7.63
N GLU A 302 4.03 -2.69 7.61
CA GLU A 302 2.72 -2.21 8.02
C GLU A 302 2.66 -1.69 9.45
N ILE A 303 3.30 -2.40 10.35
CA ILE A 303 3.36 -1.97 11.76
C ILE A 303 3.98 -0.55 11.83
N SER A 304 5.08 -0.33 11.11
CA SER A 304 5.79 0.96 11.16
C SER A 304 4.92 2.10 10.67
N HIS A 305 4.00 1.87 9.75
CA HIS A 305 3.07 2.90 9.31
C HIS A 305 2.18 3.43 10.41
N SER A 306 2.05 2.70 11.53
CA SER A 306 1.23 3.15 12.63
C SER A 306 1.84 4.43 13.24
N TRP A 307 3.11 4.71 12.93
CA TRP A 307 3.70 5.97 13.27
C TRP A 307 3.90 6.86 12.04
N THR A 308 4.70 6.40 11.07
CA THR A 308 4.98 7.18 9.89
C THR A 308 3.95 6.88 8.80
N GLY A 309 2.99 7.77 8.62
CA GLY A 309 1.91 7.60 7.67
C GLY A 309 0.60 7.88 8.39
N ASN A 310 0.34 7.07 9.43
CA ASN A 310 -0.94 7.14 10.14
C ASN A 310 -0.95 8.17 11.24
N LEU A 311 0.20 8.48 11.79
CA LEU A 311 0.21 9.52 12.82
C LEU A 311 0.71 10.81 12.25
N VAL A 312 1.88 10.73 11.60
CA VAL A 312 2.45 11.81 10.83
C VAL A 312 2.14 11.46 9.39
N THR A 313 1.33 12.29 8.74
CA THR A 313 0.79 11.98 7.42
C THR A 313 1.28 13.01 6.35
N ASN A 314 1.49 12.56 5.10
CA ASN A 314 1.80 13.50 3.98
C ASN A 314 0.63 14.45 3.77
N LYS A 315 0.94 15.74 3.64
CA LYS A 315 -0.12 16.71 3.40
C LYS A 315 -0.82 16.59 2.04
N THR A 316 -0.04 16.29 1.00
CA THR A 316 -0.60 15.94 -0.29
C THR A 316 0.25 14.79 -0.83
N TRP A 317 -0.23 14.16 -1.88
CA TRP A 317 0.44 13.01 -2.45
C TRP A 317 1.80 13.36 -3.06
N ASP A 318 2.05 14.64 -3.31
CA ASP A 318 3.34 15.03 -3.88
C ASP A 318 4.43 14.67 -2.88
N HIS A 319 4.04 14.59 -1.62
CA HIS A 319 4.98 14.40 -0.52
C HIS A 319 4.89 12.97 0.03
N PHE A 320 4.37 12.06 -0.80
CA PHE A 320 4.23 10.61 -0.48
C PHE A 320 5.48 9.97 0.08
N TRP A 321 6.67 10.38 -0.37
CA TRP A 321 7.89 9.76 0.11
C TRP A 321 8.04 9.92 1.63
N LEU A 322 7.51 11.00 2.21
CA LEU A 322 7.54 11.12 3.70
C LEU A 322 6.86 9.93 4.37
N ASN A 323 5.70 9.51 3.84
CA ASN A 323 5.06 8.29 4.34
C ASN A 323 5.93 7.06 4.16
N GLU A 324 6.45 6.84 2.94
CA GLU A 324 7.09 5.56 2.61
C GLU A 324 8.55 5.45 2.99
N GLY A 325 9.31 6.51 2.76
CA GLY A 325 10.75 6.50 3.08
C GLY A 325 10.98 6.26 4.55
N HIS A 326 10.26 6.99 5.41
CA HIS A 326 10.44 6.79 6.84
C HIS A 326 9.94 5.43 7.30
N THR A 327 8.88 4.93 6.65
CA THR A 327 8.37 3.59 7.01
C THR A 327 9.33 2.48 6.65
N VAL A 328 9.97 2.60 5.50
CA VAL A 328 11.02 1.65 5.09
C VAL A 328 12.17 1.70 6.07
N TYR A 329 12.49 2.92 6.48
CA TYR A 329 13.61 3.11 7.39
C TYR A 329 13.34 2.43 8.76
N LEU A 330 12.15 2.66 9.30
CA LEU A 330 11.68 1.94 10.48
C LEU A 330 11.58 0.41 10.31
N GLU A 331 10.93 -0.04 9.23
CA GLU A 331 10.83 -1.45 8.85
C GLU A 331 12.21 -2.11 8.92
N ARG A 332 13.20 -1.51 8.28
CA ARG A 332 14.56 -2.10 8.25
C ARG A 332 15.25 -2.13 9.62
N HIS A 333 14.94 -1.15 10.48
CA HIS A 333 15.36 -1.23 11.92
C HIS A 333 14.70 -2.35 12.75
N ILE A 334 13.42 -2.61 12.53
CA ILE A 334 12.81 -3.75 13.21
C ILE A 334 13.54 -5.05 12.80
N CYS A 335 13.71 -5.25 11.49
CA CYS A 335 14.40 -6.42 10.98
C CYS A 335 15.86 -6.51 11.51
N GLY A 336 16.52 -5.37 11.63
CA GLY A 336 17.90 -5.27 12.14
C GLY A 336 17.97 -5.64 13.61
N ARG A 337 16.94 -5.26 14.37
CA ARG A 337 16.91 -5.60 15.80
C ARG A 337 16.70 -7.09 15.90
N LEU A 338 15.82 -7.65 15.09
CA LEU A 338 15.52 -9.06 15.16
C LEU A 338 16.56 -9.98 14.60
N PHE A 339 17.21 -9.57 13.50
CA PHE A 339 18.14 -10.43 12.78
C PHE A 339 19.57 -9.94 12.61
N GLY A 340 19.90 -8.77 13.14
CA GLY A 340 21.25 -8.25 13.21
C GLY A 340 21.51 -7.13 12.24
N GLU A 341 22.51 -6.30 12.53
CA GLU A 341 22.81 -5.15 11.71
C GLU A 341 23.28 -5.54 10.28
N LYS A 342 23.95 -6.68 10.15
CA LYS A 342 24.41 -7.11 8.83
C LYS A 342 23.19 -7.39 7.94
N PHE A 343 22.13 -7.91 8.55
CA PHE A 343 20.87 -8.14 7.84
C PHE A 343 20.18 -6.83 7.38
N ARG A 344 20.22 -5.77 8.20
CA ARG A 344 19.66 -4.47 7.81
C ARG A 344 20.42 -3.92 6.61
N HIS A 345 21.77 -4.01 6.60
CA HIS A 345 22.56 -3.59 5.44
C HIS A 345 22.25 -4.44 4.19
N PHE A 346 22.03 -5.75 4.36
CA PHE A 346 21.60 -6.58 3.25
C PHE A 346 20.29 -6.04 2.61
N ASN A 347 19.33 -5.72 3.44
CA ASN A 347 18.03 -5.23 2.93
C ASN A 347 18.14 -3.85 2.33
N ALA A 348 19.03 -3.04 2.90
CA ALA A 348 19.20 -1.69 2.43
C ALA A 348 19.87 -1.77 1.07
N LEU A 349 20.87 -2.68 0.97
CA LEU A 349 21.60 -2.87 -0.30
C LEU A 349 20.66 -3.36 -1.38
N GLY A 350 19.81 -4.33 -1.07
CA GLY A 350 18.73 -4.79 -1.95
C GLY A 350 17.82 -3.66 -2.41
N GLY A 351 17.53 -2.72 -1.51
CA GLY A 351 16.65 -1.60 -1.83
C GLY A 351 17.28 -0.63 -2.84
N TRP A 352 18.60 -0.52 -2.77
CA TRP A 352 19.30 0.27 -3.78
C TRP A 352 19.18 -0.37 -5.16
N GLY A 353 19.34 -1.68 -5.24
CA GLY A 353 19.13 -2.46 -6.48
C GLY A 353 17.71 -2.31 -7.05
N GLU A 354 16.71 -2.28 -6.16
CA GLU A 354 15.34 -1.97 -6.58
C GLU A 354 15.21 -0.54 -7.10
N LEU A 355 15.94 0.40 -6.52
CA LEU A 355 15.93 1.78 -6.99
C LEU A 355 16.58 1.90 -8.39
N GLN A 356 17.64 1.12 -8.61
CA GLN A 356 18.26 1.02 -9.94
C GLN A 356 17.28 0.46 -10.95
N ASN A 357 16.58 -0.61 -10.57
CA ASN A 357 15.60 -1.19 -11.48
C ASN A 357 14.55 -0.15 -11.86
N SER A 358 14.01 0.58 -10.88
CA SER A 358 12.92 1.50 -11.19
C SER A 358 13.34 2.70 -12.03
N VAL A 359 14.51 3.26 -11.73
CA VAL A 359 15.10 4.33 -12.52
C VAL A 359 15.46 3.84 -13.95
N LYS A 360 15.93 2.61 -14.08
CA LYS A 360 16.27 2.06 -15.40
C LYS A 360 15.00 1.96 -16.21
N THR A 361 13.95 1.42 -15.59
CA THR A 361 12.64 1.27 -16.20
C THR A 361 11.93 2.58 -16.58
N PHE A 362 12.01 3.61 -15.74
CA PHE A 362 11.34 4.87 -16.09
C PHE A 362 12.23 5.69 -17.01
N GLY A 363 13.54 5.53 -16.84
CA GLY A 363 14.52 6.35 -17.50
C GLY A 363 14.99 7.42 -16.56
N GLU A 364 16.27 7.74 -16.65
CA GLU A 364 16.94 8.55 -15.64
C GLU A 364 16.60 10.05 -15.56
N THR A 365 15.75 10.54 -16.46
CA THR A 365 15.31 11.94 -16.45
C THR A 365 13.78 12.03 -16.26
N HIS A 366 13.10 10.89 -16.16
CA HIS A 366 11.64 10.85 -15.99
C HIS A 366 11.25 11.57 -14.70
N PRO A 367 10.16 12.37 -14.75
CA PRO A 367 9.71 13.10 -13.57
C PRO A 367 9.24 12.20 -12.39
N PHE A 368 8.86 10.95 -12.65
CA PHE A 368 8.46 10.04 -11.56
C PHE A 368 9.64 9.51 -10.74
N THR A 369 10.88 9.77 -11.16
CA THR A 369 12.06 9.32 -10.41
C THR A 369 12.53 10.38 -9.47
N LYS A 370 11.79 11.49 -9.44
CA LYS A 370 12.04 12.57 -8.50
C LYS A 370 11.46 12.15 -7.13
N LEU A 371 12.08 12.61 -6.04
CA LEU A 371 11.60 12.29 -4.67
C LEU A 371 10.26 12.98 -4.37
N VAL A 372 10.26 14.30 -4.50
CA VAL A 372 9.03 15.12 -4.48
C VAL A 372 8.50 15.28 -5.91
N VAL A 373 7.27 14.80 -6.15
CA VAL A 373 6.73 14.74 -7.51
C VAL A 373 5.62 15.76 -7.66
N ASP A 374 5.22 16.09 -8.89
CA ASP A 374 4.12 17.02 -9.05
C ASP A 374 3.02 16.23 -9.73
N LEU A 375 1.95 15.97 -9.01
CA LEU A 375 0.93 15.04 -9.44
C LEU A 375 -0.27 15.74 -10.05
N THR A 376 -0.12 17.01 -10.43
CA THR A 376 -1.24 17.66 -11.15
C THR A 376 -1.54 16.92 -12.48
N ASP A 377 -2.81 16.62 -12.68
CA ASP A 377 -3.25 15.77 -13.79
C ASP A 377 -2.52 14.44 -13.99
N ILE A 378 -1.95 13.86 -12.92
CA ILE A 378 -1.40 12.49 -12.95
C ILE A 378 -2.19 11.64 -11.96
N ASP A 379 -2.80 10.54 -12.41
CA ASP A 379 -3.38 9.52 -11.53
C ASP A 379 -2.31 8.93 -10.60
N PRO A 380 -2.50 9.06 -9.25
CA PRO A 380 -1.45 8.52 -8.39
C PRO A 380 -1.14 7.03 -8.68
N ASP A 381 -2.13 6.26 -9.16
CA ASP A 381 -1.97 4.81 -9.40
C ASP A 381 -0.97 4.56 -10.54
N VAL A 382 -1.02 5.42 -11.54
CA VAL A 382 -0.04 5.42 -12.61
C VAL A 382 1.36 5.76 -12.16
N ALA A 383 1.50 6.72 -11.24
CA ALA A 383 2.87 7.18 -10.88
C ALA A 383 3.51 6.30 -9.81
N TYR A 384 2.71 5.50 -9.16
CA TYR A 384 3.15 4.65 -8.04
C TYR A 384 4.37 3.77 -8.42
N SER A 385 5.44 3.83 -7.62
CA SER A 385 6.64 3.01 -7.89
C SER A 385 7.49 2.86 -6.63
N SER A 386 8.59 2.11 -6.73
CA SER A 386 9.62 1.99 -5.64
C SER A 386 10.37 3.25 -5.34
N VAL A 387 10.25 4.25 -6.19
CA VAL A 387 11.05 5.47 -6.03
C VAL A 387 10.91 6.18 -4.64
N PRO A 388 9.69 6.57 -4.23
CA PRO A 388 9.53 7.19 -2.90
C PRO A 388 9.98 6.28 -1.76
N TYR A 389 9.81 4.97 -1.92
CA TYR A 389 10.30 4.00 -0.94
C TYR A 389 11.83 4.02 -0.84
N GLU A 390 12.49 3.83 -1.98
CA GLU A 390 13.97 3.51 -1.93
C GLU A 390 14.87 4.74 -2.06
N LYS A 391 14.39 5.73 -2.82
CA LYS A 391 15.05 7.03 -2.84
C LYS A 391 14.85 7.74 -1.50
N GLY A 392 13.67 7.58 -0.88
CA GLY A 392 13.43 8.15 0.45
C GLY A 392 14.26 7.42 1.47
N PHE A 393 14.23 6.08 1.47
CA PHE A 393 15.10 5.37 2.40
C PHE A 393 16.56 5.75 2.20
N ALA A 394 17.00 5.78 0.95
CA ALA A 394 18.44 6.10 0.71
C ALA A 394 18.86 7.43 1.28
N LEU A 395 18.00 8.44 1.14
CA LEU A 395 18.28 9.73 1.71
C LEU A 395 18.40 9.70 3.23
N LEU A 396 17.45 9.03 3.87
CA LEU A 396 17.52 8.77 5.32
C LEU A 396 18.76 7.98 5.77
N PHE A 397 19.12 6.96 4.99
CA PHE A 397 20.29 6.10 5.32
C PHE A 397 21.57 6.96 5.12
N TYR A 398 21.63 7.70 4.04
CA TYR A 398 22.71 8.68 3.85
C TYR A 398 22.84 9.66 5.04
N LEU A 399 21.73 10.29 5.47
CA LEU A 399 21.71 11.19 6.63
C LEU A 399 22.13 10.52 7.92
N GLU A 400 21.63 9.31 8.17
CA GLU A 400 22.09 8.51 9.30
C GLU A 400 23.63 8.45 9.35
N GLN A 401 24.22 8.10 8.20
CA GLN A 401 25.66 7.93 8.12
C GLN A 401 26.41 9.25 8.27
N LEU A 402 25.83 10.33 7.75
CA LEU A 402 26.37 11.68 7.84
C LEU A 402 26.36 12.22 9.26
N LEU A 403 25.27 11.96 9.96
CA LEU A 403 24.97 12.58 11.25
C LEU A 403 25.38 11.78 12.48
N GLY A 404 26.00 10.60 12.30
CA GLY A 404 26.59 9.92 13.49
C GLY A 404 26.09 8.54 13.82
N GLY A 405 25.27 7.98 12.94
CA GLY A 405 24.92 6.56 13.10
C GLY A 405 23.46 6.35 13.48
N PRO A 406 23.04 5.08 13.51
CA PRO A 406 21.64 4.69 13.72
C PRO A 406 21.04 5.13 15.03
N GLU A 407 21.81 5.10 16.13
CA GLU A 407 21.22 5.48 17.44
C GLU A 407 20.88 6.97 17.48
N ILE A 408 21.82 7.78 17.01
CA ILE A 408 21.57 9.21 16.84
C ILE A 408 20.39 9.51 15.91
N PHE A 409 20.32 8.86 14.77
CA PHE A 409 19.27 9.17 13.78
C PHE A 409 17.88 8.67 14.22
N LEU A 410 17.84 7.57 14.94
CA LEU A 410 16.59 7.08 15.55
C LEU A 410 16.06 8.02 16.64
N GLY A 411 16.92 8.81 17.29
CA GLY A 411 16.44 9.80 18.24
C GLY A 411 15.74 10.92 17.50
N PHE A 412 16.23 11.26 16.31
CA PHE A 412 15.57 12.23 15.43
C PHE A 412 14.21 11.70 14.99
N LEU A 413 14.18 10.47 14.57
CA LEU A 413 12.91 9.86 14.15
C LEU A 413 11.83 9.84 15.26
N LYS A 414 12.20 9.49 16.51
CA LYS A 414 11.21 9.49 17.61
C LYS A 414 10.70 10.90 17.86
N ALA A 415 11.63 11.87 17.83
CA ALA A 415 11.26 13.25 18.02
C ALA A 415 10.42 13.79 16.89
N TYR A 416 10.67 13.33 15.65
CA TYR A 416 9.91 13.75 14.48
C TYR A 416 8.46 13.28 14.61
N VAL A 417 8.28 12.02 14.98
CA VAL A 417 6.98 11.46 15.22
C VAL A 417 6.24 12.19 16.35
N GLU A 418 6.90 12.48 17.46
CA GLU A 418 6.24 13.24 18.53
C GLU A 418 5.81 14.61 18.01
N LYS A 419 6.71 15.31 17.29
CA LYS A 419 6.45 16.67 16.87
C LYS A 419 5.22 16.74 15.99
N PHE A 420 5.11 15.80 15.07
CA PHE A 420 4.05 15.89 14.08
C PHE A 420 2.89 14.90 14.20
N SER A 421 2.76 14.25 15.35
CA SER A 421 1.64 13.30 15.51
C SER A 421 0.32 13.99 15.35
N TYR A 422 -0.60 13.29 14.67
CA TYR A 422 -1.94 13.79 14.38
C TYR A 422 -1.93 14.96 13.38
N LYS A 423 -0.85 15.21 12.64
CA LYS A 423 -0.81 16.36 11.73
C LYS A 423 -0.46 15.83 10.35
N SER A 424 -0.59 16.69 9.36
CA SER A 424 -0.19 16.38 7.98
C SER A 424 0.82 17.40 7.56
N ILE A 425 1.92 16.94 6.96
CA ILE A 425 3.09 17.75 6.79
C ILE A 425 3.67 17.67 5.37
N THR A 426 4.54 18.64 5.06
CA THR A 426 5.18 18.66 3.74
C THR A 426 6.66 18.36 3.87
N THR A 427 7.32 18.20 2.72
CA THR A 427 8.74 18.01 2.76
C THR A 427 9.45 19.21 3.45
N ASP A 428 8.93 20.41 3.25
CA ASP A 428 9.59 21.56 3.89
C ASP A 428 9.46 21.55 5.41
N ASP A 429 8.31 21.08 5.93
CA ASP A 429 8.17 20.83 7.40
C ASP A 429 9.21 19.87 7.89
N TRP A 430 9.38 18.75 7.15
CA TRP A 430 10.35 17.73 7.55
C TRP A 430 11.73 18.32 7.59
N LYS A 431 12.10 18.96 6.50
CA LYS A 431 13.43 19.54 6.41
C LYS A 431 13.72 20.61 7.48
N ASP A 432 12.75 21.46 7.76
CA ASP A 432 12.83 22.49 8.80
C ASP A 432 13.08 21.84 10.15
N PHE A 433 12.30 20.79 10.47
CA PHE A 433 12.52 20.09 11.71
C PHE A 433 13.86 19.37 11.74
N LEU A 434 14.28 18.76 10.62
CA LEU A 434 15.59 18.09 10.55
C LEU A 434 16.71 19.08 10.94
N TYR A 435 16.58 20.31 10.46
CA TYR A 435 17.57 21.41 10.74
C TYR A 435 17.42 21.92 12.17
N SER A 436 16.19 21.89 12.68
CA SER A 436 15.98 22.23 14.07
C SER A 436 16.64 21.17 14.96
N TYR A 437 16.36 19.88 14.69
CA TYR A 437 16.82 18.82 15.56
C TYR A 437 18.35 18.74 15.56
N PHE A 438 18.97 18.88 14.39
CA PHE A 438 20.41 18.71 14.28
C PHE A 438 21.10 20.06 14.12
N LYS A 439 20.66 21.06 14.87
CA LYS A 439 21.22 22.40 14.69
C LYS A 439 22.71 22.49 14.99
N ASP A 440 23.21 21.59 15.83
CA ASP A 440 24.65 21.53 16.08
C ASP A 440 25.45 20.81 15.00
N LYS A 441 24.75 20.32 13.96
CA LYS A 441 25.39 19.69 12.80
C LYS A 441 24.96 20.34 11.47
N VAL A 442 24.53 21.59 11.49
CA VAL A 442 24.07 22.28 10.28
C VAL A 442 25.13 22.36 9.17
N ASP A 443 26.40 22.36 9.57
CA ASP A 443 27.49 22.42 8.62
C ASP A 443 27.49 21.12 7.82
N VAL A 444 27.28 20.01 8.51
CA VAL A 444 27.13 18.70 7.91
C VAL A 444 25.89 18.68 7.01
N LEU A 445 24.76 19.18 7.51
CA LEU A 445 23.52 19.24 6.69
C LEU A 445 23.72 20.05 5.43
N ASN A 446 24.32 21.22 5.58
CA ASN A 446 24.57 22.08 4.41
C ASN A 446 25.45 21.44 3.33
N GLN A 447 26.15 20.35 3.66
CA GLN A 447 26.88 19.62 2.63
C GLN A 447 25.93 18.81 1.76
N VAL A 448 24.71 18.57 2.22
CA VAL A 448 23.76 17.78 1.40
C VAL A 448 23.29 18.56 0.19
N ASP A 449 23.24 17.89 -0.96
CA ASP A 449 22.75 18.50 -2.19
C ASP A 449 21.23 18.35 -2.18
N TRP A 450 20.54 19.20 -1.43
CA TRP A 450 19.11 19.09 -1.23
C TRP A 450 18.33 19.04 -2.55
N ASN A 451 18.70 19.94 -3.47
CA ASN A 451 17.95 20.03 -4.73
C ASN A 451 18.07 18.80 -5.58
N ALA A 452 19.25 18.17 -5.60
CA ALA A 452 19.41 16.93 -6.34
C ALA A 452 18.49 15.87 -5.68
N TRP A 453 18.70 15.68 -4.37
CA TRP A 453 18.04 14.61 -3.61
C TRP A 453 16.52 14.70 -3.68
N LEU A 454 15.98 15.91 -3.50
CA LEU A 454 14.52 16.11 -3.41
C LEU A 454 13.80 16.35 -4.72
N TYR A 455 14.48 17.00 -5.67
CA TYR A 455 13.80 17.50 -6.90
C TYR A 455 14.35 17.07 -8.25
N SER A 456 15.56 16.51 -8.27
CA SER A 456 16.13 16.00 -9.51
C SER A 456 15.77 14.54 -9.74
N PRO A 457 15.53 14.17 -11.01
CA PRO A 457 15.24 12.82 -11.38
C PRO A 457 16.50 11.95 -11.36
N GLY A 458 16.33 10.65 -11.51
CA GLY A 458 17.46 9.73 -11.63
C GLY A 458 17.96 9.18 -10.31
N LEU A 459 19.06 8.43 -10.37
CA LEU A 459 19.68 7.89 -9.16
C LEU A 459 20.10 9.09 -8.31
N PRO A 460 20.18 8.92 -6.98
CA PRO A 460 20.60 9.97 -6.07
C PRO A 460 22.07 10.37 -6.32
N PRO A 461 22.48 11.57 -5.88
CA PRO A 461 23.80 12.06 -6.21
C PRO A 461 24.90 11.40 -5.42
N ILE A 462 24.53 10.54 -4.48
CA ILE A 462 25.52 9.89 -3.62
C ILE A 462 24.95 8.57 -3.11
N LYS A 463 25.71 7.49 -3.26
CA LYS A 463 25.29 6.20 -2.77
C LYS A 463 25.84 6.00 -1.35
N PRO A 464 24.96 5.67 -0.38
CA PRO A 464 25.40 5.39 0.99
C PRO A 464 26.44 4.27 1.06
N ASN A 465 27.03 4.05 2.23
CA ASN A 465 27.86 2.88 2.47
C ASN A 465 27.11 1.64 2.94
N TYR A 466 27.32 0.51 2.27
CA TYR A 466 26.64 -0.75 2.63
C TYR A 466 27.63 -1.83 2.99
N ASP A 467 27.47 -2.46 4.17
CA ASP A 467 28.13 -3.70 4.44
C ASP A 467 27.68 -4.73 3.38
N MET A 468 28.62 -5.49 2.86
CA MET A 468 28.33 -6.46 1.79
C MET A 468 28.30 -7.91 2.22
N THR A 469 28.49 -8.18 3.50
CA THR A 469 28.78 -9.52 4.03
C THR A 469 27.81 -10.62 3.58
N LEU A 470 26.52 -10.39 3.79
CA LEU A 470 25.49 -11.36 3.40
C LEU A 470 25.16 -11.35 1.91
N THR A 471 25.55 -10.28 1.23
CA THR A 471 25.26 -10.09 -0.17
C THR A 471 26.35 -10.80 -1.04
N ASN A 472 27.58 -10.92 -0.52
CA ASN A 472 28.68 -11.49 -1.32
C ASN A 472 28.45 -12.86 -1.93
N ALA A 473 27.93 -13.79 -1.14
CA ALA A 473 27.66 -15.14 -1.64
C ALA A 473 26.61 -15.14 -2.77
N CYS A 474 25.61 -14.23 -2.71
CA CYS A 474 24.63 -14.05 -3.80
C CYS A 474 25.28 -13.54 -5.07
N ILE A 475 26.11 -12.50 -4.94
CA ILE A 475 26.77 -11.90 -6.08
C ILE A 475 27.71 -12.92 -6.73
N ALA A 476 28.50 -13.62 -5.92
CA ALA A 476 29.42 -14.63 -6.43
C ALA A 476 28.74 -15.73 -7.23
N LEU A 477 27.65 -16.28 -6.72
CA LEU A 477 26.94 -17.32 -7.44
C LEU A 477 26.29 -16.76 -8.71
N SER A 478 25.69 -15.57 -8.60
CA SER A 478 25.12 -14.94 -9.79
C SER A 478 26.17 -14.75 -10.89
N GLN A 479 27.35 -14.25 -10.53
CA GLN A 479 28.42 -14.04 -11.53
C GLN A 479 28.93 -15.34 -12.10
N ARG A 480 28.95 -16.41 -11.31
CA ARG A 480 29.33 -17.72 -11.85
C ARG A 480 28.37 -18.14 -12.94
N TRP A 481 27.09 -17.97 -12.71
CA TRP A 481 26.10 -18.34 -13.74
C TRP A 481 26.22 -17.43 -15.02
N ILE A 482 26.28 -16.13 -14.83
CA ILE A 482 26.39 -15.16 -15.91
C ILE A 482 27.64 -15.42 -16.74
N THR A 483 28.80 -15.65 -16.08
CA THR A 483 30.02 -15.90 -16.82
C THR A 483 30.22 -17.37 -17.26
N ALA A 484 29.26 -18.25 -16.95
CA ALA A 484 29.47 -19.64 -17.31
C ALA A 484 29.36 -19.77 -18.82
N LYS A 485 30.18 -20.64 -19.42
CA LYS A 485 29.91 -21.12 -20.84
C LYS A 485 29.27 -22.48 -20.84
N GLU A 486 28.89 -22.99 -21.99
CA GLU A 486 28.29 -24.35 -21.98
C GLU A 486 29.14 -25.35 -21.20
N ASP A 487 30.48 -25.28 -21.36
CA ASP A 487 31.33 -26.32 -20.72
C ASP A 487 31.47 -26.17 -19.19
N ASP A 488 30.85 -25.11 -18.67
CA ASP A 488 30.90 -24.84 -17.22
C ASP A 488 29.65 -25.29 -16.48
N LEU A 489 28.59 -25.65 -17.23
CA LEU A 489 27.28 -25.87 -16.64
C LEU A 489 27.34 -27.10 -15.73
N ASN A 490 28.14 -28.07 -16.12
CA ASN A 490 28.32 -29.31 -15.36
C ASN A 490 28.78 -29.07 -13.93
N SER A 491 29.50 -27.99 -13.68
CA SER A 491 30.05 -27.77 -12.39
C SER A 491 29.00 -27.27 -11.38
N PHE A 492 27.83 -26.81 -11.84
CA PHE A 492 26.80 -26.42 -10.86
C PHE A 492 26.09 -27.63 -10.24
N ASN A 493 25.67 -27.49 -8.97
CA ASN A 493 25.11 -28.62 -8.20
C ASN A 493 24.25 -28.05 -7.07
N ALA A 494 23.20 -28.77 -6.68
CA ALA A 494 22.36 -28.32 -5.57
C ALA A 494 23.12 -27.92 -4.31
N THR A 495 24.35 -28.38 -4.14
CA THR A 495 25.14 -27.94 -2.97
C THR A 495 25.54 -26.45 -3.01
N ASP A 496 25.48 -25.82 -4.20
CA ASP A 496 25.77 -24.37 -4.32
C ASP A 496 24.89 -23.52 -3.38
N LEU A 497 23.70 -24.02 -3.11
CA LEU A 497 22.61 -23.32 -2.39
C LEU A 497 22.60 -23.63 -0.90
N LYS A 498 23.45 -24.54 -0.43
CA LYS A 498 23.31 -25.09 0.93
C LYS A 498 23.49 -24.04 2.05
N ASP A 499 24.31 -23.03 1.83
CA ASP A 499 24.58 -22.04 2.87
C ASP A 499 23.86 -20.70 2.61
N LEU A 500 22.82 -20.74 1.80
CA LEU A 500 22.06 -19.49 1.48
C LEU A 500 20.72 -19.49 2.21
N SER A 501 20.32 -18.41 2.86
CA SER A 501 18.97 -18.34 3.45
C SER A 501 17.98 -18.13 2.30
N SER A 502 16.68 -18.21 2.56
CA SER A 502 15.70 -17.90 1.50
C SER A 502 15.86 -16.50 1.00
N HIS A 503 16.28 -15.57 1.87
CA HIS A 503 16.52 -14.20 1.46
C HIS A 503 17.69 -14.11 0.51
N GLN A 504 18.73 -14.89 0.81
CA GLN A 504 19.92 -14.93 -0.10
C GLN A 504 19.61 -15.60 -1.46
N LEU A 505 18.72 -16.59 -1.47
CA LEU A 505 18.31 -17.22 -2.72
C LEU A 505 17.57 -16.20 -3.54
N ASN A 506 16.72 -15.42 -2.87
CA ASN A 506 15.95 -14.36 -3.57
C ASN A 506 16.88 -13.33 -4.16
N GLU A 507 17.90 -12.97 -3.39
CA GLU A 507 18.85 -12.00 -3.89
C GLU A 507 19.75 -12.55 -5.03
N PHE A 508 20.11 -13.82 -4.96
CA PHE A 508 20.75 -14.53 -6.09
C PHE A 508 19.92 -14.39 -7.36
N LEU A 509 18.62 -14.62 -7.27
CA LEU A 509 17.74 -14.52 -8.45
C LEU A 509 17.55 -13.07 -8.89
N ALA A 510 17.51 -12.12 -7.93
CA ALA A 510 17.40 -10.69 -8.28
C ALA A 510 18.60 -10.23 -9.06
N GLN A 511 19.80 -10.65 -8.60
CA GLN A 511 21.09 -10.27 -9.23
C GLN A 511 21.11 -10.79 -10.64
N THR A 512 20.67 -12.02 -10.81
CA THR A 512 20.76 -12.69 -12.11
C THR A 512 19.72 -12.12 -13.06
N LEU A 513 18.49 -11.99 -12.57
CA LEU A 513 17.47 -11.24 -13.28
C LEU A 513 17.88 -9.87 -13.82
N GLN A 514 18.72 -9.09 -13.10
CA GLN A 514 19.16 -7.82 -13.58
C GLN A 514 19.95 -7.94 -14.89
N ARG A 515 20.53 -9.13 -15.14
CA ARG A 515 21.36 -9.39 -16.33
C ARG A 515 20.67 -10.27 -17.34
N ALA A 516 19.38 -10.47 -17.15
CA ALA A 516 18.61 -11.29 -18.06
C ALA A 516 18.45 -10.60 -19.40
N PRO A 517 18.29 -11.39 -20.50
CA PRO A 517 18.25 -12.88 -20.60
C PRO A 517 19.58 -13.54 -20.37
N LEU A 518 19.53 -14.75 -19.82
CA LEU A 518 20.64 -15.72 -19.86
C LEU A 518 20.34 -16.75 -20.97
N PRO A 519 21.37 -17.49 -21.42
CA PRO A 519 21.12 -18.51 -22.44
C PRO A 519 20.11 -19.53 -21.97
N LEU A 520 19.29 -20.03 -22.90
CA LEU A 520 18.28 -21.00 -22.54
C LEU A 520 18.88 -22.22 -21.88
N GLY A 521 20.02 -22.71 -22.37
CA GLY A 521 20.71 -23.82 -21.71
C GLY A 521 21.09 -23.60 -20.26
N HIS A 522 21.56 -22.39 -19.93
CA HIS A 522 21.76 -22.00 -18.52
C HIS A 522 20.50 -22.12 -17.68
N ILE A 523 19.37 -21.55 -18.12
CA ILE A 523 18.14 -21.64 -17.35
C ILE A 523 17.68 -23.09 -17.19
N LYS A 524 17.74 -23.88 -18.26
CA LYS A 524 17.37 -25.30 -18.10
C LYS A 524 18.29 -26.02 -17.07
N ARG A 525 19.57 -25.71 -17.09
CA ARG A 525 20.50 -26.31 -16.12
C ARG A 525 20.08 -25.94 -14.72
N MET A 526 19.77 -24.67 -14.53
CA MET A 526 19.35 -24.18 -13.21
C MET A 526 18.14 -24.94 -12.68
N GLN A 527 17.15 -25.19 -13.52
CA GLN A 527 16.02 -26.01 -13.07
C GLN A 527 16.56 -27.42 -12.76
N GLU A 528 17.48 -27.95 -13.58
CA GLU A 528 17.89 -29.35 -13.43
C GLU A 528 18.55 -29.53 -12.08
N VAL A 529 19.35 -28.56 -11.66
CA VAL A 529 20.18 -28.71 -10.49
C VAL A 529 19.59 -28.08 -9.22
N TYR A 530 18.79 -27.03 -9.36
CA TYR A 530 18.27 -26.32 -8.18
C TYR A 530 16.81 -26.61 -7.94
N ASN A 531 16.12 -27.13 -8.97
CA ASN A 531 14.69 -27.43 -8.97
C ASN A 531 13.88 -26.25 -8.42
N PHE A 532 14.11 -25.08 -9.02
CA PHE A 532 13.44 -23.84 -8.54
C PHE A 532 11.94 -23.93 -8.77
N ASN A 533 11.52 -24.72 -9.76
CA ASN A 533 10.08 -24.89 -10.06
C ASN A 533 9.29 -25.38 -8.86
N ALA A 534 9.95 -26.09 -7.94
CA ALA A 534 9.35 -26.61 -6.70
C ALA A 534 9.16 -25.61 -5.55
N ILE A 535 9.84 -24.47 -5.58
CA ILE A 535 9.79 -23.47 -4.48
C ILE A 535 8.42 -22.75 -4.53
N ASN A 536 7.70 -22.82 -3.41
CA ASN A 536 6.40 -22.18 -3.27
C ASN A 536 6.46 -20.71 -2.84
N ASN A 537 7.57 -20.31 -2.20
CA ASN A 537 7.75 -18.91 -1.80
C ASN A 537 7.48 -17.94 -2.99
N SER A 538 6.47 -17.09 -2.84
CA SER A 538 5.98 -16.28 -3.94
C SER A 538 7.07 -15.32 -4.47
N GLU A 539 7.93 -14.73 -3.62
CA GLU A 539 8.92 -13.78 -4.15
C GLU A 539 9.95 -14.50 -4.95
N ILE A 540 10.41 -15.64 -4.45
CA ILE A 540 11.42 -16.41 -5.19
C ILE A 540 10.81 -16.96 -6.47
N ARG A 541 9.59 -17.45 -6.38
CA ARG A 541 8.98 -18.01 -7.59
C ARG A 541 8.75 -16.94 -8.65
N PHE A 542 8.28 -15.77 -8.22
CA PHE A 542 8.10 -14.66 -9.15
C PHE A 542 9.39 -14.32 -9.90
N ARG A 543 10.50 -14.14 -9.18
CA ARG A 543 11.79 -13.83 -9.87
C ARG A 543 12.30 -14.93 -10.81
N TRP A 544 12.21 -16.20 -10.36
CA TRP A 544 12.56 -17.36 -11.19
C TRP A 544 11.69 -17.37 -12.44
N LEU A 545 10.39 -17.19 -12.32
CA LEU A 545 9.55 -17.22 -13.54
C LEU A 545 9.86 -16.08 -14.48
N ARG A 546 10.16 -14.91 -13.94
CA ARG A 546 10.56 -13.76 -14.84
C ARG A 546 11.85 -14.10 -15.54
N LEU A 547 12.77 -14.73 -14.82
CA LEU A 547 14.11 -15.05 -15.39
C LEU A 547 13.87 -16.04 -16.55
N CYS A 548 12.98 -16.99 -16.35
CA CYS A 548 12.72 -18.03 -17.35
C CYS A 548 12.04 -17.44 -18.58
N ILE A 549 11.05 -16.59 -18.36
CA ILE A 549 10.34 -15.95 -19.47
C ILE A 549 11.21 -14.96 -20.26
N GLN A 550 11.94 -14.09 -19.55
CA GLN A 550 12.87 -13.21 -20.22
C GLN A 550 13.98 -13.94 -20.97
N SER A 551 14.35 -15.12 -20.50
CA SER A 551 15.32 -15.98 -21.19
C SER A 551 14.66 -16.91 -22.25
N LYS A 552 13.36 -16.72 -22.46
CA LYS A 552 12.60 -17.36 -23.57
C LYS A 552 12.39 -18.86 -23.46
N TRP A 553 12.14 -19.35 -22.25
CA TRP A 553 11.86 -20.74 -22.03
C TRP A 553 10.36 -20.94 -22.09
N GLU A 554 9.89 -21.61 -23.15
CA GLU A 554 8.47 -21.87 -23.39
C GLU A 554 7.76 -22.67 -22.30
N ASP A 555 8.50 -23.58 -21.68
CA ASP A 555 7.94 -24.44 -20.64
C ASP A 555 7.39 -23.58 -19.50
N ALA A 556 7.98 -22.43 -19.31
CA ALA A 556 7.65 -21.54 -18.19
C ALA A 556 6.37 -20.74 -18.47
N ILE A 557 5.97 -20.67 -19.72
CA ILE A 557 4.76 -19.87 -20.09
C ILE A 557 3.49 -20.22 -19.25
N PRO A 558 3.10 -21.51 -19.19
CA PRO A 558 1.89 -21.84 -18.37
C PRO A 558 2.05 -21.57 -16.85
N LEU A 559 3.28 -21.69 -16.35
CA LEU A 559 3.56 -21.47 -14.89
C LEU A 559 3.42 -19.98 -14.63
N ALA A 560 3.96 -19.17 -15.55
CA ALA A 560 3.89 -17.70 -15.42
C ALA A 560 2.47 -17.17 -15.56
N LEU A 561 1.67 -17.75 -16.47
CA LEU A 561 0.31 -17.30 -16.67
C LEU A 561 -0.53 -17.66 -15.44
N LYS A 562 -0.28 -18.84 -14.90
CA LYS A 562 -0.99 -19.36 -13.72
C LYS A 562 -0.71 -18.44 -12.51
N MET A 563 0.55 -18.13 -12.27
CA MET A 563 0.84 -17.23 -11.17
C MET A 563 0.26 -15.83 -11.40
N ALA A 564 0.30 -15.34 -12.64
CA ALA A 564 -0.20 -14.00 -12.91
C ALA A 564 -1.70 -13.86 -12.66
N THR A 565 -2.43 -14.97 -12.83
CA THR A 565 -3.87 -14.93 -12.77
C THR A 565 -4.49 -15.52 -11.49
N GLU A 566 -3.82 -16.46 -10.84
CA GLU A 566 -4.33 -17.11 -9.62
C GLU A 566 -4.18 -16.22 -8.35
N GLN A 567 -3.37 -15.17 -8.45
CA GLN A 567 -3.28 -14.19 -7.37
C GLN A 567 -3.23 -12.87 -8.05
N GLY A 568 -3.41 -11.76 -7.34
CA GLY A 568 -3.50 -10.44 -8.04
C GLY A 568 -2.57 -9.37 -7.43
N ARG A 569 -1.56 -9.78 -6.68
CA ARG A 569 -0.64 -8.79 -6.09
C ARG A 569 0.08 -8.08 -7.22
N MET A 570 -0.08 -6.75 -7.35
CA MET A 570 0.39 -6.07 -8.57
C MET A 570 1.87 -6.21 -8.78
N LYS A 571 2.65 -6.28 -7.67
CA LYS A 571 4.11 -6.48 -7.69
C LYS A 571 4.48 -7.71 -8.55
N PHE A 572 3.58 -8.70 -8.55
CA PHE A 572 3.79 -9.94 -9.26
C PHE A 572 3.02 -9.97 -10.61
N THR A 573 1.72 -9.69 -10.57
CA THR A 573 0.83 -9.77 -11.75
C THR A 573 1.29 -8.78 -12.84
N ARG A 574 1.64 -7.54 -12.47
CA ARG A 574 2.02 -6.62 -13.54
C ARG A 574 3.28 -6.99 -14.34
N PRO A 575 4.43 -7.18 -13.67
CA PRO A 575 5.62 -7.63 -14.44
C PRO A 575 5.47 -9.01 -15.13
N LEU A 576 4.75 -9.96 -14.55
CA LEU A 576 4.54 -11.27 -15.21
C LEU A 576 3.73 -11.05 -16.49
N PHE A 577 2.69 -10.23 -16.44
CA PHE A 577 1.97 -9.94 -17.69
C PHE A 577 2.82 -9.22 -18.71
N LYS A 578 3.63 -8.27 -18.27
CA LYS A 578 4.49 -7.52 -19.17
C LYS A 578 5.55 -8.39 -19.85
N ASP A 579 6.19 -9.24 -19.06
CA ASP A 579 7.16 -10.21 -19.55
C ASP A 579 6.52 -11.20 -20.56
N LEU A 580 5.35 -11.74 -20.20
CA LEU A 580 4.59 -12.60 -21.14
C LEU A 580 4.18 -11.90 -22.47
N ALA A 581 3.77 -10.65 -22.39
CA ALA A 581 3.52 -9.84 -23.60
C ALA A 581 4.78 -9.56 -24.43
N ALA A 582 5.95 -9.42 -23.81
CA ALA A 582 7.18 -9.12 -24.54
C ALA A 582 7.84 -10.37 -25.13
N PHE A 583 7.42 -11.56 -24.69
CA PHE A 583 7.87 -12.82 -25.26
C PHE A 583 6.94 -13.15 -26.44
N ASP A 584 7.46 -13.19 -27.66
CA ASP A 584 6.61 -13.47 -28.84
C ASP A 584 5.82 -14.75 -28.70
N LYS A 585 6.39 -15.82 -28.13
CA LYS A 585 5.64 -17.10 -27.96
C LYS A 585 4.40 -17.05 -27.06
N SER A 586 4.39 -16.13 -26.08
CA SER A 586 3.27 -16.02 -25.15
C SER A 586 2.40 -14.76 -25.31
N HIS A 587 2.79 -13.84 -26.18
CA HIS A 587 2.12 -12.54 -26.33
C HIS A 587 0.62 -12.67 -26.54
N ASP A 588 0.23 -13.46 -27.54
CA ASP A 588 -1.19 -13.69 -27.80
C ASP A 588 -1.88 -14.30 -26.61
N GLN A 589 -1.28 -15.31 -25.99
CA GLN A 589 -1.89 -15.89 -24.80
C GLN A 589 -2.01 -14.88 -23.63
N ALA A 590 -0.99 -14.03 -23.42
CA ALA A 590 -1.03 -12.98 -22.36
C ALA A 590 -2.23 -12.06 -22.54
N VAL A 591 -2.32 -11.48 -23.72
CA VAL A 591 -3.41 -10.59 -24.10
C VAL A 591 -4.75 -11.27 -23.96
N ARG A 592 -4.89 -12.49 -24.51
CA ARG A 592 -6.13 -13.23 -24.34
C ARG A 592 -6.49 -13.53 -22.90
N THR A 593 -5.49 -13.84 -22.06
CA THR A 593 -5.75 -14.22 -20.67
C THR A 593 -6.19 -13.00 -19.88
N TYR A 594 -5.57 -11.86 -20.17
CA TYR A 594 -6.02 -10.60 -19.60
C TYR A 594 -7.51 -10.31 -19.95
N GLN A 595 -7.84 -10.40 -21.24
CA GLN A 595 -9.21 -10.14 -21.68
C GLN A 595 -10.20 -11.01 -20.94
N GLU A 596 -9.89 -12.29 -20.78
CA GLU A 596 -10.77 -13.24 -20.14
C GLU A 596 -10.94 -12.97 -18.65
N HIS A 597 -9.88 -12.58 -17.97
CA HIS A 597 -9.94 -12.44 -16.50
C HIS A 597 -10.33 -11.03 -16.04
N LYS A 598 -10.20 -10.07 -16.95
CA LYS A 598 -10.30 -8.65 -16.60
C LYS A 598 -11.52 -8.29 -15.72
N ALA A 599 -12.70 -8.77 -16.10
CA ALA A 599 -13.93 -8.47 -15.38
C ALA A 599 -13.94 -8.96 -13.91
N SER A 600 -13.23 -10.03 -13.62
CA SER A 600 -13.16 -10.46 -12.24
C SER A 600 -11.86 -10.02 -11.49
N MET A 601 -11.05 -9.15 -12.12
CA MET A 601 -9.83 -8.59 -11.47
C MET A 601 -10.19 -7.35 -10.60
N HIS A 602 -9.24 -6.90 -9.78
CA HIS A 602 -9.44 -5.71 -9.03
C HIS A 602 -9.45 -4.56 -10.05
N PRO A 603 -10.36 -3.58 -9.87
CA PRO A 603 -10.43 -2.47 -10.81
C PRO A 603 -9.13 -1.77 -11.07
N VAL A 604 -8.31 -1.57 -10.06
CA VAL A 604 -7.09 -0.81 -10.29
C VAL A 604 -6.08 -1.68 -11.03
N THR A 605 -5.96 -2.93 -10.60
CA THR A 605 -5.06 -3.86 -11.24
C THR A 605 -5.43 -4.02 -12.73
N ALA A 606 -6.74 -4.18 -13.04
CA ALA A 606 -7.22 -4.33 -14.41
C ALA A 606 -6.81 -3.12 -15.24
N MET A 607 -6.92 -1.93 -14.66
CA MET A 607 -6.63 -0.73 -15.42
C MET A 607 -5.15 -0.70 -15.80
N LEU A 608 -4.31 -0.87 -14.80
CA LEU A 608 -2.87 -0.84 -14.99
C LEU A 608 -2.31 -1.95 -15.89
N VAL A 609 -2.82 -3.18 -15.75
CA VAL A 609 -2.31 -4.28 -16.59
C VAL A 609 -2.71 -3.98 -18.02
N GLY A 610 -3.96 -3.58 -18.21
CA GLY A 610 -4.47 -3.06 -19.49
C GLY A 610 -3.61 -2.03 -20.15
N LYS A 611 -3.27 -0.96 -19.44
CA LYS A 611 -2.28 0.02 -19.91
C LYS A 611 -0.94 -0.64 -20.24
N ASP A 612 -0.41 -1.47 -19.34
CA ASP A 612 0.85 -2.16 -19.59
C ASP A 612 0.85 -2.95 -20.92
N LEU A 613 -0.26 -3.59 -21.27
CA LEU A 613 -0.35 -4.45 -22.46
C LEU A 613 -0.77 -3.65 -23.70
N LYS A 614 -1.15 -2.38 -23.49
CA LYS A 614 -1.73 -1.54 -24.53
C LYS A 614 -3.01 -2.15 -25.09
N VAL A 615 -3.93 -2.51 -24.20
CA VAL A 615 -5.23 -3.06 -24.62
C VAL A 615 -6.43 -2.35 -24.01
N ASP A 616 -7.62 -2.66 -24.56
CA ASP A 616 -8.84 -1.81 -24.53
C ASP A 616 -8.58 -0.41 -25.12
ZN ZN B . 4.17 1.69 3.02
YB YB C . 35.43 -23.30 -21.07
O1 PH0 D . 3.47 0.99 1.36
C1 PH0 D . 1.05 1.85 -0.45
C2 PH0 D . -0.09 2.35 -1.29
C3 PH0 D . -1.27 1.62 -1.54
C4 PH0 D . -2.22 2.23 -2.38
C5 PH0 D . -2.04 3.46 -2.99
C6 PH0 D . -0.91 4.18 -2.71
C7 PH0 D . 0.06 3.61 -1.89
C8 PH0 D . 0.69 1.29 0.93
C9 PH0 D . 2.09 -1.16 0.29
C10 PH0 D . 3.49 -1.76 0.12
C11 PH0 D . 3.42 -2.79 -0.97
C12 PH0 D . 4.26 -3.77 -3.06
C13 PH0 D . 5.53 -3.76 -3.88
C14 PH0 D . 5.97 -2.32 -4.10
C15 PH0 D . 6.80 -1.68 -3.16
C16 PH0 D . 7.18 -0.37 -3.40
C17 PH0 D . 6.73 0.29 -4.54
C18 PH0 D . 5.93 -0.36 -5.46
C19 PH0 D . 5.55 -1.66 -5.23
C20 PH0 D . 4.07 -5.18 -2.54
P PH0 D . 2.10 0.25 1.49
O5 PH0 D . 1.83 -0.28 3.07
N2 PH0 D . 0.59 2.41 1.89
C21 PH0 D . 3.86 -2.49 1.42
C22 PH0 D . 5.35 -2.81 1.49
C23 PH0 D . 5.79 -3.89 2.23
C24 PH0 D . 7.16 -4.25 2.32
C25 PH0 D . 8.08 -3.45 1.67
C26 PH0 D . 7.68 -2.32 0.95
C27 PH0 D . 6.31 -1.99 0.85
O2 PH0 D . 2.55 -3.60 -0.91
N1 PH0 D . 4.26 -2.78 -1.99
O3 PH0 D . 4.70 -5.61 -1.50
O4 PH0 D . 3.24 -5.85 -3.17
C ACY E . -20.15 38.83 7.33
O ACY E . -20.78 37.79 7.68
OXT ACY E . -19.21 39.29 8.03
CH3 ACY E . -20.54 39.58 6.05
#